data_8OXJ
#
_entry.id   8OXJ
#
_cell.length_a   48.104
_cell.length_b   60.763
_cell.length_c   66.350
_cell.angle_alpha   90.000
_cell.angle_beta   90.000
_cell.angle_gamma   90.000
#
_symmetry.space_group_name_H-M   'P 21 21 21'
#
loop_
_entity.id
_entity.type
_entity.pdbx_description
1 polymer AVRA22
2 water water
#
_entity_poly.entity_id   1
_entity_poly.type   'polypeptide(L)'
_entity_poly.pdbx_seq_one_letter_code
;SDGWTCAGSDFDGDQVRGQARHWVGQQKTKFSEFHTHNDVPLCYFELGEGNQLTQSYTGFRAYCDEPGDVYNLRYLDVSS
RTWVLCTHYDNDFESDYR
;
_entity_poly.pdbx_strand_id   A,B
#
# COMPACT_ATOMS: atom_id res chain seq x y z
N SER A 1 10.85 -8.10 -25.16
CA SER A 1 9.88 -8.29 -24.09
C SER A 1 10.25 -7.46 -22.84
N ASP A 2 9.79 -7.89 -21.68
CA ASP A 2 9.85 -7.03 -20.51
C ASP A 2 9.67 -7.89 -19.28
N GLY A 3 9.87 -7.27 -18.13
CA GLY A 3 9.70 -7.99 -16.88
C GLY A 3 9.88 -7.06 -15.71
N TRP A 4 9.98 -7.66 -14.53
CA TRP A 4 10.10 -6.88 -13.30
C TRP A 4 11.18 -7.50 -12.43
N THR A 5 11.86 -6.65 -11.68
CA THR A 5 12.81 -7.07 -10.65
C THR A 5 12.22 -6.69 -9.30
N CYS A 6 12.00 -7.68 -8.46
CA CYS A 6 11.42 -7.52 -7.12
C CYS A 6 12.46 -7.96 -6.08
N ALA A 7 13.20 -7.00 -5.53
CA ALA A 7 14.23 -7.34 -4.54
C ALA A 7 15.17 -8.27 -5.28
N GLY A 8 15.35 -9.51 -4.87
CA GLY A 8 16.28 -10.30 -5.68
C GLY A 8 15.68 -11.09 -6.81
N SER A 9 14.36 -11.03 -7.01
CA SER A 9 13.64 -11.97 -7.84
C SER A 9 13.24 -11.37 -9.17
N ASP A 10 13.37 -12.14 -10.23
CA ASP A 10 13.00 -11.70 -11.56
C ASP A 10 11.64 -12.30 -11.91
N PHE A 11 10.78 -11.49 -12.53
CA PHE A 11 9.49 -11.94 -13.03
C PHE A 11 9.40 -11.59 -14.51
N ASP A 12 9.10 -12.59 -15.32
CA ASP A 12 9.02 -12.45 -16.76
C ASP A 12 7.67 -11.90 -17.18
N GLY A 13 7.67 -10.91 -18.08
CA GLY A 13 6.44 -10.23 -18.43
C GLY A 13 5.37 -11.16 -18.94
N ASP A 14 5.73 -12.08 -19.83
CA ASP A 14 4.74 -12.97 -20.41
C ASP A 14 4.20 -13.93 -19.36
N GLN A 15 5.05 -14.41 -18.45
CA GLN A 15 4.58 -15.35 -17.43
C GLN A 15 3.59 -14.66 -16.48
N VAL A 16 3.92 -13.42 -16.08
CA VAL A 16 3.05 -12.62 -15.23
C VAL A 16 1.71 -12.39 -15.91
N ARG A 17 1.73 -11.91 -17.15
CA ARG A 17 0.48 -11.65 -17.86
C ARG A 17 -0.32 -12.92 -18.08
N GLY A 18 0.34 -14.07 -18.20
CA GLY A 18 -0.41 -15.31 -18.30
C GLY A 18 -1.15 -15.64 -17.03
N GLN A 19 -0.52 -15.40 -15.87
CA GLN A 19 -1.23 -15.58 -14.61
C GLN A 19 -2.40 -14.60 -14.48
N ALA A 20 -2.16 -13.35 -14.91
CA ALA A 20 -3.19 -12.32 -14.84
C ALA A 20 -4.42 -12.72 -15.65
N ARG A 21 -4.20 -13.24 -16.86
CA ARG A 21 -5.32 -13.66 -17.69
C ARG A 21 -6.19 -14.65 -16.95
N HIS A 22 -5.55 -15.59 -16.24
CA HIS A 22 -6.30 -16.60 -15.52
C HIS A 22 -7.17 -15.96 -14.45
N TRP A 23 -6.55 -15.15 -13.56
CA TRP A 23 -7.32 -14.67 -12.41
C TRP A 23 -8.35 -13.62 -12.83
N VAL A 24 -8.08 -12.80 -13.83
CA VAL A 24 -9.10 -11.87 -14.31
C VAL A 24 -10.27 -12.65 -14.89
N GLY A 25 -9.99 -13.62 -15.78
CA GLY A 25 -11.04 -14.39 -16.38
C GLY A 25 -11.89 -15.15 -15.38
N GLN A 26 -11.25 -15.72 -14.35
CA GLN A 26 -12.00 -16.41 -13.29
C GLN A 26 -12.71 -15.43 -12.36
N GLN A 27 -12.41 -14.13 -12.47
CA GLN A 27 -13.00 -13.11 -11.61
C GLN A 27 -12.60 -13.33 -10.15
N LYS A 28 -11.33 -13.66 -9.92
CA LYS A 28 -10.85 -13.96 -8.58
C LYS A 28 -9.75 -13.02 -8.10
N THR A 29 -9.56 -11.88 -8.75
CA THR A 29 -8.68 -10.87 -8.19
C THR A 29 -9.33 -10.23 -6.95
N LYS A 30 -8.50 -9.48 -6.22
CA LYS A 30 -8.90 -8.86 -4.98
C LYS A 30 -8.74 -7.36 -5.15
N PHE A 31 -9.68 -6.61 -4.58
CA PHE A 31 -9.60 -5.16 -4.64
C PHE A 31 -8.33 -4.71 -3.95
N SER A 32 -7.61 -3.79 -4.57
CA SER A 32 -6.36 -3.32 -3.99
C SER A 32 -6.53 -1.95 -3.37
N GLU A 33 -5.68 -1.65 -2.37
CA GLU A 33 -5.65 -0.32 -1.77
C GLU A 33 -4.98 0.71 -2.69
N PHE A 34 -4.19 0.26 -3.64
CA PHE A 34 -3.47 1.11 -4.56
C PHE A 34 -4.33 1.47 -5.75
N HIS A 35 -4.02 2.62 -6.33
CA HIS A 35 -4.56 3.03 -7.60
C HIS A 35 -3.43 3.45 -8.51
N THR A 36 -3.74 3.61 -9.79
CA THR A 36 -2.73 4.04 -10.74
C THR A 36 -2.43 5.52 -10.55
N HIS A 37 -1.38 5.99 -11.23
CA HIS A 37 -1.10 7.43 -11.18
C HIS A 37 -2.22 8.24 -11.78
N ASN A 38 -3.09 7.63 -12.58
CA ASN A 38 -4.24 8.31 -13.15
C ASN A 38 -5.50 8.15 -12.32
N ASP A 39 -5.39 7.60 -11.11
CA ASP A 39 -6.52 7.41 -10.21
C ASP A 39 -7.45 6.29 -10.61
N VAL A 40 -6.96 5.33 -11.40
CA VAL A 40 -7.75 4.16 -11.80
C VAL A 40 -7.61 3.12 -10.71
N PRO A 41 -8.69 2.52 -10.21
CA PRO A 41 -8.55 1.46 -9.20
C PRO A 41 -7.77 0.26 -9.75
N LEU A 42 -7.14 -0.45 -8.83
CA LEU A 42 -6.36 -1.64 -9.14
C LEU A 42 -6.93 -2.80 -8.36
N CYS A 43 -6.77 -4.00 -8.90
CA CYS A 43 -7.03 -5.23 -8.19
C CYS A 43 -5.72 -5.98 -8.19
N TYR A 44 -5.56 -6.93 -7.29
CA TYR A 44 -4.31 -7.68 -7.27
C TYR A 44 -4.59 -9.18 -7.28
N PHE A 45 -3.55 -9.93 -7.65
CA PHE A 45 -3.49 -11.37 -7.41
C PHE A 45 -2.12 -11.73 -6.85
N GLU A 46 -2.08 -12.89 -6.18
CA GLU A 46 -0.84 -13.40 -5.64
C GLU A 46 -0.04 -14.00 -6.78
N LEU A 47 1.20 -13.58 -6.88
CA LEU A 47 2.05 -13.87 -8.03
C LEU A 47 2.92 -15.08 -7.76
N GLY A 48 2.72 -16.14 -8.54
CA GLY A 48 3.48 -17.35 -8.39
C GLY A 48 4.77 -17.31 -9.16
N GLU A 49 5.67 -18.23 -8.82
CA GLU A 49 6.92 -18.36 -9.57
C GLU A 49 6.62 -18.93 -10.95
N GLY A 50 7.31 -18.39 -11.94
CA GLY A 50 7.06 -18.82 -13.31
C GLY A 50 5.61 -18.70 -13.72
N ASN A 51 5.05 -19.81 -14.17
CA ASN A 51 3.66 -19.89 -14.60
C ASN A 51 2.73 -20.38 -13.50
N GLN A 52 3.25 -20.56 -12.30
CA GLN A 52 2.45 -21.17 -11.25
C GLN A 52 1.30 -20.25 -10.88
N LEU A 53 0.09 -20.83 -10.80
CA LEU A 53 -1.10 -20.14 -10.33
C LEU A 53 -1.32 -20.49 -8.87
N THR A 54 -1.52 -19.47 -8.03
CA THR A 54 -1.81 -19.74 -6.64
C THR A 54 -2.65 -18.60 -6.08
N GLN A 55 -3.51 -18.94 -5.13
CA GLN A 55 -4.28 -17.98 -4.34
C GLN A 55 -3.66 -17.77 -2.97
N SER A 56 -2.51 -18.37 -2.72
CA SER A 56 -1.80 -18.25 -1.45
C SER A 56 -0.78 -17.13 -1.53
N TYR A 57 -0.58 -16.44 -0.41
CA TYR A 57 0.46 -15.42 -0.34
C TYR A 57 1.82 -16.02 -0.72
N THR A 58 2.54 -15.34 -1.61
CA THR A 58 3.86 -15.77 -2.05
C THR A 58 4.98 -14.79 -1.71
N GLY A 59 4.65 -13.57 -1.26
CA GLY A 59 5.60 -12.50 -1.13
C GLY A 59 5.56 -11.50 -2.27
N PHE A 60 4.80 -11.79 -3.32
CA PHE A 60 4.77 -10.98 -4.54
C PHE A 60 3.34 -10.86 -5.02
N ARG A 61 2.99 -9.65 -5.51
CA ARG A 61 1.64 -9.38 -5.96
C ARG A 61 1.72 -8.66 -7.30
N ALA A 62 0.80 -8.98 -8.19
CA ALA A 62 0.62 -8.24 -9.44
C ALA A 62 -0.69 -7.46 -9.40
N TYR A 63 -0.68 -6.25 -9.97
CA TYR A 63 -1.81 -5.35 -9.88
C TYR A 63 -2.26 -4.98 -11.27
N CYS A 64 -3.56 -5.19 -11.54
CA CYS A 64 -4.19 -4.86 -12.81
C CYS A 64 -5.32 -3.85 -12.65
N ASP A 65 -5.56 -3.11 -13.75
CA ASP A 65 -6.68 -2.18 -13.92
C ASP A 65 -7.89 -2.97 -14.40
N GLU A 66 -9.07 -2.34 -14.57
CA GLU A 66 -10.19 -3.26 -14.62
C GLU A 66 -9.97 -4.25 -15.70
N PRO A 67 -9.83 -3.79 -16.96
CA PRO A 67 -9.90 -4.66 -18.12
C PRO A 67 -8.95 -5.80 -18.00
N GLY A 68 -7.97 -5.70 -17.10
CA GLY A 68 -7.10 -6.78 -16.78
C GLY A 68 -5.69 -6.62 -17.22
N ASP A 69 -5.26 -5.40 -17.58
CA ASP A 69 -3.88 -5.18 -17.95
C ASP A 69 -3.02 -5.05 -16.69
N VAL A 70 -1.88 -5.72 -16.68
CA VAL A 70 -0.97 -5.61 -15.55
C VAL A 70 -0.35 -4.23 -15.52
N TYR A 71 -0.59 -3.51 -14.43
CA TYR A 71 -0.09 -2.17 -14.23
C TYR A 71 1.25 -2.17 -13.53
N ASN A 72 1.35 -2.89 -12.41
CA ASN A 72 2.66 -2.95 -11.75
C ASN A 72 2.74 -4.14 -10.81
N LEU A 73 3.93 -4.34 -10.24
CA LEU A 73 4.19 -5.44 -9.31
C LEU A 73 4.77 -4.88 -8.02
N ARG A 74 4.45 -5.57 -6.92
CA ARG A 74 5.04 -5.22 -5.63
C ARG A 74 5.46 -6.49 -4.90
N TYR A 75 6.40 -6.32 -3.98
CA TYR A 75 6.87 -7.42 -3.13
C TYR A 75 6.74 -6.96 -1.69
N LEU A 76 6.38 -7.88 -0.81
CA LEU A 76 6.21 -7.55 0.60
C LEU A 76 7.59 -7.51 1.26
N ASP A 77 7.93 -6.35 1.81
CA ASP A 77 9.13 -6.18 2.62
C ASP A 77 8.68 -6.41 4.06
N VAL A 78 9.07 -7.59 4.59
CA VAL A 78 8.53 -8.04 5.88
C VAL A 78 9.03 -7.17 7.02
N SER A 79 10.25 -6.64 6.90
CA SER A 79 10.76 -5.74 7.93
C SER A 79 9.84 -4.52 8.10
N SER A 80 9.54 -3.84 7.00
CA SER A 80 8.74 -2.63 6.96
C SER A 80 7.24 -2.86 6.85
N ARG A 81 6.82 -4.09 6.56
CA ARG A 81 5.43 -4.41 6.33
C ARG A 81 4.85 -3.56 5.20
N THR A 82 5.66 -3.34 4.18
CA THR A 82 5.18 -2.52 3.09
C THR A 82 5.29 -3.29 1.80
N TRP A 83 4.37 -3.04 0.88
CA TRP A 83 4.42 -3.65 -0.45
C TRP A 83 5.19 -2.69 -1.36
N VAL A 84 6.44 -3.00 -1.61
CA VAL A 84 7.38 -2.13 -2.29
C VAL A 84 7.30 -2.35 -3.80
N LEU A 85 7.33 -1.24 -4.55
CA LEU A 85 7.23 -1.34 -5.99
C LEU A 85 8.43 -2.07 -6.57
N CYS A 86 8.14 -3.07 -7.40
CA CYS A 86 9.17 -3.72 -8.21
C CYS A 86 9.57 -2.81 -9.36
N THR A 87 10.80 -2.99 -9.82
CA THR A 87 11.35 -2.21 -10.92
C THR A 87 10.98 -2.87 -12.25
N HIS A 88 10.32 -2.12 -13.10
CA HIS A 88 10.00 -2.60 -14.43
C HIS A 88 11.18 -2.39 -15.38
N TYR A 89 11.41 -3.37 -16.25
CA TYR A 89 12.46 -3.25 -17.26
C TYR A 89 11.94 -3.71 -18.61
N ASP A 90 12.57 -3.19 -19.66
CA ASP A 90 12.25 -3.59 -21.02
C ASP A 90 13.58 -4.04 -21.63
N ASN A 91 13.59 -5.22 -22.25
CA ASN A 91 14.75 -5.75 -22.98
C ASN A 91 14.82 -5.16 -24.37
N ASP A 92 16.03 -5.21 -24.94
CA ASP A 92 16.24 -4.92 -26.36
C ASP A 92 16.10 -6.13 -27.28
N SER B 1 -14.41 18.91 16.95
CA SER B 1 -13.15 18.30 16.55
C SER B 1 -13.35 17.14 15.56
N ASP B 2 -12.39 16.22 15.53
CA ASP B 2 -12.35 15.26 14.44
C ASP B 2 -11.43 14.12 14.83
N GLY B 3 -11.44 13.09 13.99
CA GLY B 3 -10.62 11.93 14.27
C GLY B 3 -10.81 10.87 13.21
N TRP B 4 -10.29 9.68 13.52
CA TRP B 4 -10.36 8.55 12.62
C TRP B 4 -10.76 7.30 13.39
N THR B 5 -11.47 6.41 12.70
CA THR B 5 -11.81 5.08 13.20
C THR B 5 -11.08 4.04 12.36
N CYS B 6 -10.23 3.26 13.01
CA CYS B 6 -9.42 2.21 12.39
C CYS B 6 -9.83 0.87 12.98
N ALA B 7 -10.69 0.14 12.28
CA ALA B 7 -11.17 -1.15 12.77
C ALA B 7 -11.88 -0.81 14.07
N GLY B 8 -11.44 -1.30 15.21
CA GLY B 8 -12.14 -0.88 16.41
C GLY B 8 -11.60 0.35 17.12
N SER B 9 -10.52 0.95 16.62
CA SER B 9 -9.77 1.92 17.40
C SER B 9 -10.07 3.33 16.94
N ASP B 10 -10.16 4.23 17.91
CA ASP B 10 -10.39 5.63 17.64
C ASP B 10 -9.10 6.42 17.83
N PHE B 11 -8.85 7.35 16.91
CA PHE B 11 -7.70 8.22 16.98
C PHE B 11 -8.19 9.65 16.92
N ASP B 12 -7.79 10.44 17.91
CA ASP B 12 -8.22 11.82 18.00
C ASP B 12 -7.39 12.68 17.05
N GLY B 13 -8.08 13.51 16.27
CA GLY B 13 -7.41 14.25 15.22
C GLY B 13 -6.28 15.11 15.74
N ASP B 14 -6.50 15.78 16.86
CA ASP B 14 -5.45 16.66 17.37
C ASP B 14 -4.25 15.86 17.83
N GLN B 15 -4.47 14.68 18.42
CA GLN B 15 -3.36 13.87 18.90
C GLN B 15 -2.57 13.30 17.73
N VAL B 16 -3.28 12.84 16.70
CA VAL B 16 -2.62 12.41 15.48
C VAL B 16 -1.74 13.53 14.95
N ARG B 17 -2.31 14.73 14.81
CA ARG B 17 -1.55 15.84 14.23
C ARG B 17 -0.37 16.25 15.09
N GLY B 18 -0.46 16.06 16.41
CA GLY B 18 0.69 16.32 17.27
C GLY B 18 1.81 15.34 17.05
N GLN B 19 1.47 14.08 16.82
CA GLN B 19 2.50 13.10 16.47
C GLN B 19 3.12 13.46 15.12
N ALA B 20 2.29 13.88 14.17
CA ALA B 20 2.79 14.22 12.84
C ALA B 20 3.77 15.39 12.93
N ARG B 21 3.42 16.43 13.68
CA ARG B 21 4.31 17.58 13.82
C ARG B 21 5.66 17.15 14.37
N HIS B 22 5.66 16.23 15.34
CA HIS B 22 6.92 15.79 15.91
C HIS B 22 7.77 15.11 14.85
N TRP B 23 7.21 14.10 14.17
CA TRP B 23 8.05 13.32 13.27
C TRP B 23 8.44 14.12 12.04
N VAL B 24 7.57 15.00 11.56
CA VAL B 24 7.90 15.83 10.42
C VAL B 24 9.00 16.81 10.77
N GLY B 25 8.87 17.51 11.89
CA GLY B 25 9.92 18.43 12.27
C GLY B 25 11.26 17.73 12.43
N GLN B 26 11.25 16.53 13.00
CA GLN B 26 12.46 15.72 13.17
C GLN B 26 12.93 15.18 11.83
N GLN B 27 12.13 15.38 10.82
CA GLN B 27 12.42 14.82 9.52
C GLN B 27 12.57 13.32 9.56
N LYS B 28 11.90 12.64 10.45
CA LYS B 28 11.90 11.19 10.31
C LYS B 28 10.64 10.49 9.87
N THR B 29 9.84 11.10 9.03
CA THR B 29 8.86 10.31 8.31
C THR B 29 9.57 9.45 7.25
N LYS B 30 8.82 8.49 6.73
CA LYS B 30 9.34 7.55 5.75
C LYS B 30 8.57 7.65 4.45
N PHE B 31 9.25 7.49 3.33
CA PHE B 31 8.55 7.46 2.05
C PHE B 31 7.50 6.35 2.05
N SER B 32 6.28 6.69 1.64
CA SER B 32 5.22 5.70 1.53
C SER B 32 4.98 5.38 0.06
N GLU B 33 4.54 4.15 -0.19
CA GLU B 33 4.18 3.71 -1.53
C GLU B 33 2.86 4.32 -1.99
N PHE B 34 2.05 4.83 -1.06
CA PHE B 34 0.74 5.38 -1.38
C PHE B 34 0.82 6.82 -1.85
N HIS B 35 -0.12 7.17 -2.69
CA HIS B 35 -0.30 8.57 -3.06
C HIS B 35 -1.76 9.00 -2.97
N THR B 36 -1.97 10.31 -3.10
CA THR B 36 -3.32 10.83 -3.03
C THR B 36 -4.05 10.54 -4.33
N HIS B 37 -5.34 10.86 -4.37
CA HIS B 37 -6.10 10.66 -5.59
C HIS B 37 -5.61 11.58 -6.71
N ASN B 38 -4.91 12.66 -6.35
CA ASN B 38 -4.30 13.61 -7.26
C ASN B 38 -2.84 13.29 -7.55
N ASP B 39 -2.36 12.11 -7.15
CA ASP B 39 -0.98 11.69 -7.38
C ASP B 39 0.03 12.44 -6.52
N VAL B 40 -0.37 13.01 -5.40
CA VAL B 40 0.59 13.65 -4.49
C VAL B 40 1.30 12.58 -3.68
N PRO B 41 2.64 12.60 -3.61
CA PRO B 41 3.37 11.64 -2.78
C PRO B 41 3.06 11.81 -1.31
N LEU B 42 3.17 10.69 -0.58
CA LEU B 42 2.89 10.64 0.85
C LEU B 42 4.09 10.04 1.56
N CYS B 43 4.26 10.38 2.84
CA CYS B 43 5.21 9.74 3.74
C CYS B 43 4.38 9.21 4.91
N TYR B 44 4.94 8.27 5.70
CA TYR B 44 4.17 7.75 6.82
C TYR B 44 4.98 7.81 8.10
N PHE B 45 4.25 7.72 9.21
CA PHE B 45 4.86 7.40 10.50
C PHE B 45 3.96 6.41 11.21
N GLU B 46 4.56 5.70 12.18
CA GLU B 46 3.84 4.74 13.01
C GLU B 46 3.03 5.48 14.05
N LEU B 47 1.75 5.17 14.13
CA LEU B 47 0.81 5.96 14.93
C LEU B 47 0.66 5.36 16.33
N GLY B 48 1.05 6.14 17.33
CA GLY B 48 0.94 5.71 18.71
C GLY B 48 -0.42 6.01 19.31
N GLU B 49 -0.67 5.37 20.45
CA GLU B 49 -1.88 5.59 21.22
C GLU B 49 -1.84 6.98 21.84
N GLY B 50 -2.97 7.66 21.82
CA GLY B 50 -3.05 8.99 22.40
C GLY B 50 -1.98 9.92 21.88
N ASN B 51 -1.15 10.44 22.79
CA ASN B 51 -0.03 11.32 22.46
C ASN B 51 1.31 10.59 22.36
N GLN B 52 1.32 9.27 22.45
CA GLN B 52 2.58 8.54 22.49
C GLN B 52 3.30 8.66 21.16
N LEU B 53 4.59 9.01 21.22
CA LEU B 53 5.44 9.06 20.05
C LEU B 53 6.19 7.75 19.94
N THR B 54 6.11 7.11 18.78
CA THR B 54 6.80 5.85 18.60
C THR B 54 7.25 5.69 17.16
N GLN B 55 8.39 5.03 17.01
CA GLN B 55 8.91 4.60 15.74
C GLN B 55 8.72 3.12 15.52
N SER B 56 8.00 2.46 16.41
CA SER B 56 7.74 1.02 16.37
C SER B 56 6.38 0.71 15.78
N TYR B 57 6.29 -0.39 15.04
CA TYR B 57 5.02 -0.81 14.46
C TYR B 57 3.98 -0.92 15.57
N THR B 58 2.83 -0.29 15.34
CA THR B 58 1.69 -0.39 16.24
C THR B 58 0.50 -1.03 15.55
N GLY B 59 0.56 -1.24 14.23
CA GLY B 59 -0.62 -1.65 13.49
C GLY B 59 -1.36 -0.51 12.82
N PHE B 60 -0.94 0.71 13.08
CA PHE B 60 -1.65 1.89 12.60
C PHE B 60 -0.60 2.86 12.09
N ARG B 61 -0.93 3.50 10.96
CA ARG B 61 -0.02 4.40 10.29
C ARG B 61 -0.78 5.65 9.87
N ALA B 62 -0.12 6.79 9.98
CA ALA B 62 -0.64 8.04 9.44
C ALA B 62 0.22 8.48 8.26
N TYR B 63 -0.42 9.04 7.25
CA TYR B 63 0.21 9.41 6.00
C TYR B 63 0.00 10.89 5.76
N CYS B 64 1.13 11.58 5.53
CA CYS B 64 1.18 13.01 5.31
C CYS B 64 1.77 13.35 3.95
N ASP B 65 1.42 14.54 3.46
CA ASP B 65 2.10 15.10 2.31
C ASP B 65 3.38 15.79 2.77
N GLU B 66 4.15 16.29 1.82
CA GLU B 66 5.44 16.90 2.16
C GLU B 66 5.31 18.02 3.19
N PRO B 67 4.41 19.00 3.04
CA PRO B 67 4.33 20.06 4.05
C PRO B 67 4.02 19.55 5.45
N GLY B 68 3.44 18.35 5.56
CA GLY B 68 3.19 17.71 6.84
C GLY B 68 1.75 17.60 7.25
N ASP B 69 0.80 17.84 6.36
CA ASP B 69 -0.61 17.66 6.68
C ASP B 69 -0.99 16.20 6.57
N VAL B 70 -1.74 15.72 7.56
CA VAL B 70 -2.18 14.34 7.59
C VAL B 70 -3.25 14.13 6.54
N TYR B 71 -2.97 13.27 5.57
CA TYR B 71 -3.89 12.99 4.48
C TYR B 71 -4.85 11.87 4.83
N ASN B 72 -4.33 10.78 5.37
CA ASN B 72 -5.22 9.69 5.78
C ASN B 72 -4.48 8.76 6.74
N LEU B 73 -5.24 7.82 7.29
CA LEU B 73 -4.76 6.82 8.23
C LEU B 73 -5.07 5.45 7.67
N ARG B 74 -4.22 4.48 7.98
CA ARG B 74 -4.46 3.09 7.62
C ARG B 74 -4.10 2.18 8.79
N TYR B 75 -4.70 1.00 8.78
CA TYR B 75 -4.43 -0.06 9.75
C TYR B 75 -4.07 -1.34 8.99
N LEU B 76 -3.17 -2.13 9.54
CA LEU B 76 -2.75 -3.36 8.89
C LEU B 76 -3.80 -4.43 9.11
N ASP B 77 -4.36 -4.97 8.02
CA ASP B 77 -5.23 -6.14 8.06
C ASP B 77 -4.34 -7.35 7.84
N VAL B 78 -4.19 -8.14 8.91
CA VAL B 78 -3.19 -9.19 8.92
C VAL B 78 -3.55 -10.29 7.93
N SER B 79 -4.85 -10.57 7.79
CA SER B 79 -5.28 -11.63 6.89
C SER B 79 -4.83 -11.36 5.47
N SER B 80 -5.16 -10.17 4.97
CA SER B 80 -4.85 -9.73 3.61
C SER B 80 -3.47 -9.12 3.48
N ARG B 81 -2.79 -8.86 4.60
CA ARG B 81 -1.52 -8.17 4.60
C ARG B 81 -1.63 -6.85 3.84
N THR B 82 -2.75 -6.15 4.05
CA THR B 82 -2.94 -4.88 3.37
C THR B 82 -3.15 -3.77 4.39
N TRP B 83 -2.72 -2.58 4.06
CA TRP B 83 -2.95 -1.39 4.90
C TRP B 83 -4.25 -0.74 4.46
N VAL B 84 -5.30 -0.94 5.25
CA VAL B 84 -6.69 -0.58 4.93
C VAL B 84 -6.99 0.82 5.42
N LEU B 85 -7.74 1.57 4.61
CA LEU B 85 -8.10 2.93 4.95
C LEU B 85 -8.96 3.02 6.20
N CYS B 86 -8.52 3.84 7.15
CA CYS B 86 -9.35 4.24 8.27
C CYS B 86 -10.38 5.27 7.81
N THR B 87 -11.48 5.32 8.56
CA THR B 87 -12.57 6.23 8.29
C THR B 87 -12.38 7.53 9.06
N HIS B 88 -12.38 8.66 8.35
CA HIS B 88 -12.34 9.95 9.01
C HIS B 88 -13.73 10.42 9.42
N TYR B 89 -13.82 11.02 10.60
CA TYR B 89 -15.09 11.53 11.10
C TYR B 89 -14.90 12.95 11.63
N ASP B 90 -15.99 13.70 11.60
CA ASP B 90 -16.07 15.05 12.11
C ASP B 90 -17.22 15.08 13.11
N ASN B 91 -16.96 15.60 14.31
CA ASN B 91 -18.04 15.79 15.30
C ASN B 91 -18.75 17.11 15.06
N ASP B 92 -20.03 17.18 15.44
CA ASP B 92 -20.77 18.44 15.40
C ASP B 92 -20.26 19.30 16.54
#